data_1D1F
#
_entry.id   1D1F
#
_cell.length_a   1.000
_cell.length_b   1.000
_cell.length_c   1.000
_cell.angle_alpha   90.00
_cell.angle_beta   90.00
_cell.angle_gamma   90.00
#
_symmetry.space_group_name_H-M   'P 1'
#
_entity_poly.entity_id   1
_entity_poly.type   'polypeptide(L)'
_entity_poly.pdbx_seq_one_letter_code
;(ACE)ARHYKNLIERQRY(NH2)
;
_entity_poly.pdbx_strand_id   A
#
loop_
_chem_comp.id
_chem_comp.type
_chem_comp.name
_chem_comp.formula
ACE non-polymer 'ACETYL GROUP' 'C2 H4 O'
NH2 non-polymer 'AMINO GROUP' 'H2 N'
#
# COMPACT_ATOMS: atom_id res chain seq x y z
C ACE A 1 -6.62 -8.35 4.53
O ACE A 1 -7.04 -7.90 5.58
CH3 ACE A 1 -7.59 -8.94 3.51
H1 ACE A 1 -8.28 -8.17 3.19
H2 ACE A 1 -8.13 -9.75 3.97
H3 ACE A 1 -7.05 -9.31 2.65
N ALA A 2 -5.35 -8.33 4.22
CA ALA A 2 -4.37 -7.76 5.19
C ALA A 2 -4.31 -6.23 5.02
N ARG A 3 -5.46 -5.63 5.10
CA ARG A 3 -5.61 -4.14 4.97
C ARG A 3 -4.38 -3.26 5.30
N HIS A 4 -3.75 -3.49 6.41
CA HIS A 4 -2.54 -2.67 6.78
C HIS A 4 -1.47 -2.60 5.69
N TYR A 5 -1.47 -3.64 4.93
CA TYR A 5 -0.53 -3.84 3.79
C TYR A 5 -0.93 -3.21 2.49
N LYS A 6 -2.07 -2.59 2.53
CA LYS A 6 -2.58 -1.91 1.30
C LYS A 6 -1.57 -0.77 1.10
N ASN A 7 -1.29 -0.13 2.20
CA ASN A 7 -0.32 1.02 2.27
C ASN A 7 0.87 0.82 1.32
N LEU A 8 1.58 -0.26 1.55
CA LEU A 8 2.77 -0.60 0.72
C LEU A 8 2.48 -0.54 -0.78
N ILE A 9 1.52 -1.32 -1.17
CA ILE A 9 1.13 -1.38 -2.62
C ILE A 9 0.56 0.00 -3.02
N GLU A 10 0.13 0.72 -2.04
CA GLU A 10 -0.45 2.08 -2.28
C GLU A 10 0.58 3.18 -2.17
N ARG A 11 1.81 2.78 -2.02
CA ARG A 11 2.90 3.79 -1.92
C ARG A 11 3.52 3.83 -3.31
N GLN A 12 3.73 2.67 -3.85
CA GLN A 12 4.34 2.52 -5.21
C GLN A 12 4.04 3.71 -6.15
N ARG A 13 2.80 3.90 -6.54
CA ARG A 13 2.46 5.04 -7.45
C ARG A 13 2.06 6.31 -6.66
N TYR A 14 1.99 6.17 -5.36
CA TYR A 14 1.62 7.27 -4.43
C TYR A 14 2.63 7.33 -3.26
N NH2 A 15 3.84 7.74 -3.49
HN1 NH2 A 15 4.11 8.01 -4.40
HN2 NH2 A 15 4.47 7.77 -2.75
C ACE A 1 -5.71 -6.85 7.52
O ACE A 1 -4.93 -5.93 7.61
CH3 ACE A 1 -6.57 -7.25 8.72
H1 ACE A 1 -7.18 -6.40 9.01
H2 ACE A 1 -5.92 -7.51 9.55
H3 ACE A 1 -7.20 -8.08 8.47
N ALA A 2 -5.89 -7.57 6.43
CA ALA A 2 -5.13 -7.33 5.15
C ALA A 2 -4.71 -5.86 4.98
N ARG A 3 -5.70 -5.02 5.06
CA ARG A 3 -5.52 -3.53 4.92
C ARG A 3 -4.14 -2.98 5.30
N HIS A 4 -3.56 -3.50 6.34
CA HIS A 4 -2.20 -3.01 6.78
C HIS A 4 -1.10 -3.25 5.72
N TYR A 5 -1.50 -3.91 4.67
CA TYR A 5 -0.60 -4.25 3.52
C TYR A 5 -1.12 -3.52 2.28
N LYS A 6 -1.94 -2.53 2.51
CA LYS A 6 -2.51 -1.73 1.40
C LYS A 6 -1.47 -0.66 1.09
N ASN A 7 -1.27 0.25 2.03
CA ASN A 7 -0.28 1.36 1.87
C ASN A 7 0.94 0.89 1.05
N LEU A 8 1.55 -0.13 1.57
CA LEU A 8 2.76 -0.76 0.94
C LEU A 8 2.69 -0.75 -0.60
N ILE A 9 1.54 -1.16 -1.07
CA ILE A 9 1.28 -1.24 -2.54
C ILE A 9 0.55 0.01 -3.04
N GLU A 10 -0.04 0.72 -2.14
CA GLU A 10 -0.79 1.97 -2.50
C GLU A 10 0.15 3.16 -2.29
N ARG A 11 1.39 2.82 -2.10
CA ARG A 11 2.50 3.79 -1.88
C ARG A 11 3.27 3.95 -3.17
N GLN A 12 3.92 2.89 -3.55
CA GLN A 12 4.74 2.81 -4.80
C GLN A 12 4.19 3.63 -6.00
N ARG A 13 2.89 3.70 -6.10
CA ARG A 13 2.22 4.46 -7.21
C ARG A 13 1.97 5.93 -6.81
N TYR A 14 2.72 6.42 -5.86
CA TYR A 14 2.59 7.81 -5.38
C TYR A 14 3.93 8.53 -5.62
N NH2 A 15 4.50 8.36 -6.77
HN1 NH2 A 15 4.07 7.78 -7.44
HN2 NH2 A 15 5.34 8.81 -6.96
C ACE A 1 -5.11 -8.38 5.44
O ACE A 1 -4.10 -7.90 5.90
CH3 ACE A 1 -5.99 -9.29 6.30
H1 ACE A 1 -6.31 -8.74 7.17
H2 ACE A 1 -5.42 -10.15 6.61
H3 ACE A 1 -6.86 -9.60 5.74
N ALA A 2 -5.50 -8.16 4.21
CA ALA A 2 -4.66 -7.29 3.33
C ALA A 2 -5.04 -5.82 3.49
N ARG A 3 -5.13 -5.40 4.73
CA ARG A 3 -5.49 -3.98 5.02
C ARG A 3 -4.21 -3.22 5.35
N HIS A 4 -3.51 -3.65 6.35
CA HIS A 4 -2.23 -2.95 6.74
C HIS A 4 -1.12 -3.17 5.70
N TYR A 5 -1.52 -3.60 4.54
CA TYR A 5 -0.58 -3.87 3.41
C TYR A 5 -1.04 -3.06 2.20
N LYS A 6 -2.06 -2.29 2.42
CA LYS A 6 -2.62 -1.45 1.31
C LYS A 6 -1.53 -0.42 1.06
N ASN A 7 -1.37 0.47 2.00
CA ASN A 7 -0.34 1.56 1.94
C ASN A 7 0.91 1.16 1.16
N LEU A 8 1.45 0.04 1.54
CA LEU A 8 2.68 -0.51 0.90
C LEU A 8 2.49 -0.67 -0.62
N ILE A 9 1.41 -1.32 -0.96
CA ILE A 9 1.07 -1.58 -2.40
C ILE A 9 0.41 -0.32 -2.98
N GLU A 10 0.08 0.59 -2.11
CA GLU A 10 -0.57 1.87 -2.53
C GLU A 10 0.40 3.04 -2.36
N ARG A 11 1.64 2.71 -2.09
CA ARG A 11 2.73 3.72 -1.91
C ARG A 11 3.51 3.76 -3.20
N GLN A 12 3.81 2.60 -3.70
CA GLN A 12 4.57 2.47 -4.98
C GLN A 12 4.10 3.54 -6.00
N ARG A 13 2.80 3.69 -6.05
CA ARG A 13 2.14 4.66 -6.96
C ARG A 13 1.98 6.00 -6.25
N TYR A 14 3.05 6.48 -5.69
CA TYR A 14 3.05 7.79 -4.97
C TYR A 14 4.10 8.72 -5.56
N NH2 A 15 5.30 8.30 -5.79
HN1 NH2 A 15 5.54 7.36 -5.58
HN2 NH2 A 15 5.96 8.92 -6.16
C ACE A 1 -6.37 -7.09 6.68
O ACE A 1 -5.43 -6.49 7.17
CH3 ACE A 1 -7.60 -7.43 7.52
H1 ACE A 1 -8.02 -6.52 7.91
H2 ACE A 1 -7.29 -8.06 8.34
H3 ACE A 1 -8.33 -7.94 6.92
N ALA A 2 -6.39 -7.45 5.41
CA ALA A 2 -5.22 -7.14 4.54
C ALA A 2 -5.30 -5.70 4.02
N ARG A 3 -5.61 -4.82 4.94
CA ARG A 3 -5.73 -3.36 4.58
C ARG A 3 -4.42 -2.72 5.04
N HIS A 4 -4.04 -3.08 6.23
CA HIS A 4 -2.77 -2.52 6.82
C HIS A 4 -1.55 -2.86 5.95
N TYR A 5 -1.79 -3.70 4.99
CA TYR A 5 -0.73 -4.15 4.04
C TYR A 5 -1.02 -3.61 2.62
N LYS A 6 -1.84 -2.59 2.59
CA LYS A 6 -2.22 -1.94 1.30
C LYS A 6 -1.15 -0.90 0.96
N ASN A 7 -0.96 0.04 1.86
CA ASN A 7 0.06 1.13 1.70
C ASN A 7 1.30 0.62 0.92
N LEU A 8 1.85 -0.43 1.47
CA LEU A 8 3.05 -1.15 0.92
C LEU A 8 3.08 -1.15 -0.61
N ILE A 9 1.90 -1.37 -1.14
CA ILE A 9 1.71 -1.42 -2.61
C ILE A 9 1.27 -0.04 -3.06
N GLU A 10 0.22 0.37 -2.43
CA GLU A 10 -0.42 1.70 -2.71
C GLU A 10 0.47 2.92 -2.51
N ARG A 11 1.66 2.69 -2.06
CA ARG A 11 2.64 3.79 -1.80
C ARG A 11 3.49 3.93 -3.06
N GLN A 12 3.46 2.91 -3.85
CA GLN A 12 4.23 2.89 -5.13
C GLN A 12 3.51 3.83 -6.11
N ARG A 13 2.26 4.06 -5.84
CA ARG A 13 1.43 4.97 -6.67
C ARG A 13 1.49 6.38 -6.06
N TYR A 14 2.59 6.70 -5.43
CA TYR A 14 2.79 8.02 -4.78
C TYR A 14 4.03 8.66 -5.42
N NH2 A 15 3.95 9.16 -6.61
HN1 NH2 A 15 3.10 9.15 -7.11
HN2 NH2 A 15 4.75 9.56 -7.02
C ACE A 1 -3.60 -8.00 7.69
O ACE A 1 -3.22 -6.97 7.20
CH3 ACE A 1 -3.23 -8.34 9.13
H1 ACE A 1 -2.15 -8.38 9.20
H2 ACE A 1 -3.64 -9.29 9.41
H3 ACE A 1 -3.60 -7.57 9.79
N ALA A 2 -4.35 -8.89 7.08
CA ALA A 2 -4.83 -8.73 5.65
C ALA A 2 -5.04 -7.32 5.09
N ARG A 3 -5.41 -6.40 5.93
CA ARG A 3 -5.65 -4.99 5.48
C ARG A 3 -4.46 -4.06 5.78
N HIS A 4 -3.67 -4.41 6.77
CA HIS A 4 -2.50 -3.54 7.10
C HIS A 4 -1.36 -3.75 6.08
N TYR A 5 -1.75 -4.09 4.88
CA TYR A 5 -0.73 -4.31 3.79
C TYR A 5 -1.24 -3.58 2.55
N LYS A 6 -2.17 -2.68 2.77
CA LYS A 6 -2.75 -1.89 1.64
C LYS A 6 -1.91 -0.64 1.42
N ASN A 7 -1.89 0.22 2.40
CA ASN A 7 -1.11 1.51 2.34
C ASN A 7 0.14 1.39 1.46
N LEU A 8 0.98 0.46 1.82
CA LEU A 8 2.26 0.20 1.09
C LEU A 8 2.07 0.11 -0.45
N ILE A 9 1.06 -0.61 -0.84
CA ILE A 9 0.74 -0.80 -2.30
C ILE A 9 0.50 0.55 -2.98
N GLU A 10 0.30 1.57 -2.19
CA GLU A 10 0.05 2.93 -2.75
C GLU A 10 1.30 3.80 -2.62
N ARG A 11 2.41 3.09 -2.61
CA ARG A 11 3.74 3.74 -2.49
C ARG A 11 4.32 3.76 -3.92
N GLN A 12 4.32 2.58 -4.48
CA GLN A 12 4.83 2.36 -5.86
C GLN A 12 4.34 3.43 -6.85
N ARG A 13 3.05 3.68 -6.82
CA ARG A 13 2.45 4.70 -7.74
C ARG A 13 2.59 6.11 -7.14
N TYR A 14 3.74 6.37 -6.58
CA TYR A 14 4.01 7.70 -5.97
C TYR A 14 5.46 8.07 -6.33
N NH2 A 15 5.97 9.17 -5.84
HN1 NH2 A 15 5.44 9.73 -5.25
HN2 NH2 A 15 6.89 9.40 -6.09
C ACE A 1 -5.39 -7.10 6.45
O ACE A 1 -4.75 -6.07 6.60
CH3 ACE A 1 -6.02 -7.77 7.67
H1 ACE A 1 -6.59 -8.63 7.35
H2 ACE A 1 -6.68 -7.06 8.16
H3 ACE A 1 -5.25 -8.08 8.34
N ALA A 2 -5.60 -7.69 5.30
CA ALA A 2 -5.06 -7.18 3.99
C ALA A 2 -4.83 -5.66 3.92
N ARG A 3 -5.90 -4.95 4.17
CA ARG A 3 -5.88 -3.45 4.16
C ARG A 3 -4.63 -2.90 4.88
N HIS A 4 -4.34 -3.47 6.03
CA HIS A 4 -3.16 -3.01 6.84
C HIS A 4 -1.80 -3.27 6.16
N TYR A 5 -1.87 -3.90 5.03
CA TYR A 5 -0.67 -4.24 4.20
C TYR A 5 -0.86 -3.62 2.82
N LYS A 6 -1.75 -2.69 2.74
CA LYS A 6 -2.03 -1.99 1.44
C LYS A 6 -0.99 -0.87 1.26
N ASN A 7 -0.85 -0.07 2.29
CA ASN A 7 0.12 1.08 2.30
C ASN A 7 1.35 0.82 1.40
N LEU A 8 2.03 -0.24 1.77
CA LEU A 8 3.27 -0.71 1.07
C LEU A 8 3.15 -0.61 -0.46
N ILE A 9 2.02 -1.08 -0.92
CA ILE A 9 1.73 -1.08 -2.38
C ILE A 9 1.21 0.28 -2.78
N GLU A 10 0.38 0.81 -1.95
CA GLU A 10 -0.23 2.16 -2.22
C GLU A 10 0.84 3.13 -2.68
N ARG A 11 1.90 2.99 -1.94
CA ARG A 11 3.16 3.79 -2.10
C ARG A 11 3.65 3.80 -3.57
N GLN A 12 3.45 2.68 -4.20
CA GLN A 12 3.86 2.50 -5.62
C GLN A 12 3.06 3.42 -6.55
N ARG A 13 1.94 3.94 -6.11
CA ARG A 13 1.15 4.84 -6.99
C ARG A 13 1.55 6.32 -6.83
N TYR A 14 2.79 6.55 -6.54
CA TYR A 14 3.24 7.96 -6.39
C TYR A 14 3.85 8.40 -7.74
N NH2 A 15 4.14 9.64 -7.95
HN1 NH2 A 15 4.00 10.30 -7.25
HN2 NH2 A 15 4.53 9.90 -8.82
C ACE A 1 -6.67 -8.56 4.10
O ACE A 1 -6.82 -8.42 5.29
CH3 ACE A 1 -7.85 -8.93 3.20
H1 ACE A 1 -7.55 -8.94 2.17
H2 ACE A 1 -8.65 -8.21 3.34
H3 ACE A 1 -8.21 -9.91 3.48
N ALA A 2 -5.52 -8.38 3.51
CA ALA A 2 -4.29 -8.02 4.30
C ALA A 2 -4.22 -6.51 4.52
N ARG A 3 -5.32 -6.02 5.05
CA ARG A 3 -5.51 -4.56 5.38
C ARG A 3 -4.23 -3.73 5.46
N HIS A 4 -3.51 -3.95 6.52
CA HIS A 4 -2.22 -3.22 6.79
C HIS A 4 -1.16 -3.23 5.68
N TYR A 5 -1.46 -3.83 4.56
CA TYR A 5 -0.48 -3.87 3.44
C TYR A 5 -0.94 -3.03 2.25
N LYS A 6 -2.10 -2.46 2.41
CA LYS A 6 -2.68 -1.60 1.32
C LYS A 6 -1.71 -0.43 1.10
N ASN A 7 -1.53 0.32 2.16
CA ASN A 7 -0.61 1.50 2.16
C ASN A 7 0.60 1.30 1.23
N LEU A 8 1.24 0.20 1.44
CA LEU A 8 2.45 -0.16 0.62
C LEU A 8 2.11 -0.17 -0.86
N ILE A 9 1.03 -0.82 -1.20
CA ILE A 9 0.63 -0.87 -2.65
C ILE A 9 0.46 0.56 -3.13
N GLU A 10 -0.07 1.34 -2.24
CA GLU A 10 -0.31 2.79 -2.53
C GLU A 10 0.90 3.66 -2.23
N ARG A 11 2.00 3.02 -1.92
CA ARG A 11 3.26 3.77 -1.61
C ARG A 11 4.17 3.73 -2.85
N GLN A 12 4.05 2.67 -3.60
CA GLN A 12 4.88 2.51 -4.84
C GLN A 12 4.17 3.10 -6.09
N ARG A 13 2.86 3.09 -6.08
CA ARG A 13 2.11 3.64 -7.27
C ARG A 13 1.78 5.14 -7.21
N TYR A 14 1.65 5.64 -6.03
CA TYR A 14 1.31 7.08 -5.87
C TYR A 14 2.54 7.84 -5.38
N NH2 A 15 2.57 9.13 -5.45
HN1 NH2 A 15 1.82 9.64 -5.84
HN2 NH2 A 15 3.36 9.60 -5.13
C ACE A 1 -7.64 -6.92 3.32
O ACE A 1 -7.92 -6.49 4.42
CH3 ACE A 1 -8.74 -7.26 2.31
H1 ACE A 1 -9.36 -8.06 2.72
H2 ACE A 1 -8.31 -7.60 1.39
H3 ACE A 1 -9.36 -6.39 2.16
N ALA A 2 -6.41 -7.09 2.93
CA ALA A 2 -5.29 -6.78 3.87
C ALA A 2 -4.96 -5.27 3.89
N ARG A 3 -5.97 -4.51 4.18
CA ARG A 3 -5.85 -3.01 4.24
C ARG A 3 -4.52 -2.53 4.88
N HIS A 4 -4.23 -3.10 6.02
CA HIS A 4 -2.98 -2.74 6.77
C HIS A 4 -1.67 -2.98 6.05
N TYR A 5 -1.78 -3.67 4.95
CA TYR A 5 -0.60 -4.01 4.11
C TYR A 5 -0.82 -3.43 2.71
N LYS A 6 -1.79 -2.56 2.64
CA LYS A 6 -2.13 -1.90 1.36
C LYS A 6 -1.00 -0.89 1.11
N ASN A 7 -0.73 -0.08 2.11
CA ASN A 7 0.37 0.96 2.01
C ASN A 7 1.50 0.51 1.07
N LEU A 8 2.20 -0.49 1.54
CA LEU A 8 3.36 -1.11 0.82
C LEU A 8 3.23 -1.06 -0.71
N ILE A 9 2.07 -1.44 -1.16
CA ILE A 9 1.80 -1.46 -2.64
C ILE A 9 1.09 -0.19 -3.11
N GLU A 10 0.41 0.45 -2.21
CA GLU A 10 -0.31 1.69 -2.62
C GLU A 10 0.53 2.92 -2.42
N ARG A 11 1.71 2.69 -1.97
CA ARG A 11 2.69 3.80 -1.73
C ARG A 11 3.25 4.05 -3.13
N GLN A 12 3.63 2.99 -3.77
CA GLN A 12 4.19 3.07 -5.16
C GLN A 12 3.27 3.97 -6.00
N ARG A 13 1.97 3.78 -5.88
CA ARG A 13 1.03 4.63 -6.68
C ARG A 13 0.91 6.07 -6.11
N TYR A 14 1.95 6.56 -5.49
CA TYR A 14 1.89 7.93 -4.92
C TYR A 14 2.69 8.85 -5.83
N NH2 A 15 3.93 8.56 -6.08
HN1 NH2 A 15 4.34 7.77 -5.69
HN2 NH2 A 15 4.45 9.16 -6.67
C ACE A 1 -7.25 -7.70 4.33
O ACE A 1 -7.38 -7.33 5.48
CH3 ACE A 1 -8.48 -8.07 3.49
H1 ACE A 1 -9.02 -8.86 3.98
H2 ACE A 1 -8.18 -8.39 2.50
H3 ACE A 1 -9.12 -7.20 3.41
N ALA A 2 -6.09 -7.78 3.74
CA ALA A 2 -4.84 -7.45 4.48
C ALA A 2 -4.61 -5.93 4.44
N ARG A 3 -5.60 -5.21 4.88
CA ARG A 3 -5.57 -3.71 4.92
C ARG A 3 -4.17 -3.14 5.24
N HIS A 4 -3.62 -3.64 6.31
CA HIS A 4 -2.26 -3.22 6.78
C HIS A 4 -1.19 -3.19 5.69
N TYR A 5 -1.41 -4.02 4.73
CA TYR A 5 -0.48 -4.17 3.57
C TYR A 5 -0.98 -3.51 2.28
N LYS A 6 -1.93 -2.63 2.42
CA LYS A 6 -2.49 -1.91 1.23
C LYS A 6 -1.60 -0.68 1.06
N ASN A 7 -1.48 0.02 2.16
CA ASN A 7 -0.65 1.27 2.27
C ASN A 7 0.67 1.15 1.47
N LEU A 8 1.26 0.00 1.62
CA LEU A 8 2.56 -0.35 0.94
C LEU A 8 2.39 -0.32 -0.58
N ILE A 9 1.40 -1.03 -1.03
CA ILE A 9 1.11 -1.10 -2.50
C ILE A 9 0.55 0.25 -2.94
N GLU A 10 0.13 1.00 -1.97
CA GLU A 10 -0.42 2.36 -2.23
C GLU A 10 0.67 3.40 -2.11
N ARG A 11 1.89 2.92 -2.03
CA ARG A 11 3.07 3.83 -1.92
C ARG A 11 3.66 3.87 -3.33
N GLN A 12 4.08 2.72 -3.77
CA GLN A 12 4.68 2.57 -5.14
C GLN A 12 4.07 3.49 -6.21
N ARG A 13 2.77 3.43 -6.37
CA ARG A 13 2.10 4.29 -7.40
C ARG A 13 1.64 5.65 -6.83
N TYR A 14 2.48 6.25 -6.03
CA TYR A 14 2.16 7.57 -5.41
C TYR A 14 3.31 8.57 -5.73
N NH2 A 15 3.55 8.88 -6.96
HN1 NH2 A 15 3.03 8.48 -7.68
HN2 NH2 A 15 4.28 9.51 -7.15
C ACE A 1 -4.57 -7.51 6.34
O ACE A 1 -4.04 -6.44 6.58
CH3 ACE A 1 -5.06 -8.39 7.48
H1 ACE A 1 -5.79 -7.84 8.06
H2 ACE A 1 -4.23 -8.65 8.12
H3 ACE A 1 -5.51 -9.29 7.09
N ALA A 2 -4.75 -7.99 5.14
CA ALA A 2 -4.31 -7.27 3.88
C ALA A 2 -4.28 -5.74 3.95
N ARG A 3 -5.32 -5.19 4.50
CA ARG A 3 -5.44 -3.70 4.65
C ARG A 3 -4.16 -3.09 5.21
N HIS A 4 -3.64 -3.72 6.23
CA HIS A 4 -2.38 -3.22 6.85
C HIS A 4 -1.24 -3.21 5.85
N TYR A 5 -1.44 -4.02 4.86
CA TYR A 5 -0.45 -4.19 3.76
C TYR A 5 -0.98 -3.56 2.47
N LYS A 6 -1.91 -2.67 2.62
CA LYS A 6 -2.51 -1.96 1.44
C LYS A 6 -1.73 -0.67 1.13
N ASN A 7 -1.52 0.10 2.17
CA ASN A 7 -0.77 1.39 2.01
C ASN A 7 0.53 1.12 1.21
N LEU A 8 1.28 0.16 1.70
CA LEU A 8 2.58 -0.25 1.08
C LEU A 8 2.43 -0.37 -0.45
N ILE A 9 1.33 -0.94 -0.85
CA ILE A 9 1.09 -1.11 -2.31
C ILE A 9 0.98 0.29 -2.89
N GLU A 10 0.11 1.04 -2.29
CA GLU A 10 -0.14 2.45 -2.74
C GLU A 10 1.12 3.30 -2.85
N ARG A 11 2.02 2.98 -1.99
CA ARG A 11 3.35 3.66 -1.92
C ARG A 11 3.98 3.63 -3.32
N GLN A 12 3.76 2.52 -3.95
CA GLN A 12 4.31 2.32 -5.32
C GLN A 12 3.57 3.20 -6.31
N ARG A 13 2.40 3.65 -5.94
CA ARG A 13 1.61 4.51 -6.85
C ARG A 13 2.03 5.97 -6.54
N TYR A 14 3.29 6.12 -6.24
CA TYR A 14 3.90 7.43 -5.92
C TYR A 14 5.12 7.46 -6.84
N NH2 A 15 4.94 7.32 -8.12
HN1 NH2 A 15 4.03 7.21 -8.48
HN2 NH2 A 15 5.72 7.33 -8.71
C ACE A 1 -7.36 -7.59 5.25
O ACE A 1 -7.40 -6.88 6.23
CH3 ACE A 1 -8.66 -8.14 4.66
H1 ACE A 1 -9.29 -7.33 4.34
H2 ACE A 1 -9.17 -8.72 5.42
H3 ACE A 1 -8.45 -8.79 3.82
N ALA A 2 -6.24 -7.89 4.66
CA ALA A 2 -4.95 -7.38 5.20
C ALA A 2 -4.67 -5.92 4.74
N ARG A 3 -5.71 -5.14 4.79
CA ARG A 3 -5.67 -3.70 4.40
C ARG A 3 -4.41 -2.97 4.90
N HIS A 4 -4.00 -3.29 6.10
CA HIS A 4 -2.78 -2.63 6.69
C HIS A 4 -1.57 -2.76 5.76
N TYR A 5 -1.62 -3.81 4.99
CA TYR A 5 -0.54 -4.14 4.00
C TYR A 5 -0.91 -3.65 2.59
N LYS A 6 -1.85 -2.76 2.54
CA LYS A 6 -2.31 -2.17 1.23
C LYS A 6 -1.41 -0.94 1.04
N ASN A 7 -1.24 -0.25 2.14
CA ASN A 7 -0.39 0.97 2.22
C ASN A 7 0.92 0.80 1.42
N LEU A 8 1.58 -0.27 1.77
CA LEU A 8 2.89 -0.68 1.15
C LEU A 8 2.80 -0.76 -0.37
N ILE A 9 1.64 -1.12 -0.83
CA ILE A 9 1.38 -1.26 -2.30
C ILE A 9 0.82 0.07 -2.79
N GLU A 10 0.40 0.88 -1.86
CA GLU A 10 -0.18 2.21 -2.18
C GLU A 10 0.91 3.26 -2.03
N ARG A 11 2.11 2.78 -2.19
CA ARG A 11 3.32 3.63 -2.10
C ARG A 11 3.65 3.85 -3.58
N GLN A 12 3.95 2.75 -4.21
CA GLN A 12 4.29 2.70 -5.67
C GLN A 12 3.57 3.76 -6.52
N ARG A 13 2.28 3.88 -6.33
CA ARG A 13 1.49 4.88 -7.11
C ARG A 13 1.40 6.26 -6.43
N TYR A 14 2.45 6.61 -5.73
CA TYR A 14 2.52 7.91 -5.02
C TYR A 14 3.65 8.66 -5.73
N NH2 A 15 3.53 8.90 -7.00
HN1 NH2 A 15 2.72 8.61 -7.47
HN2 NH2 A 15 4.25 9.37 -7.47
C ACE A 1 -6.19 -9.16 5.35
O ACE A 1 -6.77 -8.58 6.25
CH3 ACE A 1 -6.98 -10.00 4.35
H1 ACE A 1 -7.65 -9.36 3.82
H2 ACE A 1 -7.54 -10.75 4.88
H3 ACE A 1 -6.30 -10.47 3.66
N ALA A 2 -4.90 -9.10 5.20
CA ALA A 2 -4.06 -8.29 6.15
C ALA A 2 -4.06 -6.81 5.74
N ARG A 3 -5.26 -6.28 5.71
CA ARG A 3 -5.57 -4.86 5.36
C ARG A 3 -4.45 -3.87 5.71
N HIS A 4 -3.97 -3.96 6.92
CA HIS A 4 -2.88 -3.05 7.39
C HIS A 4 -1.59 -3.13 6.55
N TYR A 5 -1.59 -3.94 5.53
CA TYR A 5 -0.41 -4.10 4.63
C TYR A 5 -0.71 -3.54 3.23
N LYS A 6 -1.93 -3.09 3.11
CA LYS A 6 -2.43 -2.52 1.82
C LYS A 6 -1.72 -1.23 1.42
N ASN A 7 -1.65 -0.30 2.33
CA ASN A 7 -1.00 1.04 2.09
C ASN A 7 0.14 0.95 1.07
N LEU A 8 1.05 0.04 1.30
CA LEU A 8 2.22 -0.15 0.37
C LEU A 8 1.88 -0.10 -1.13
N ILE A 9 0.80 -0.74 -1.48
CA ILE A 9 0.37 -0.78 -2.92
C ILE A 9 0.10 0.63 -3.46
N GLU A 10 -0.07 1.54 -2.56
CA GLU A 10 -0.34 2.97 -2.91
C GLU A 10 0.96 3.78 -2.71
N ARG A 11 2.06 3.07 -2.57
CA ARG A 11 3.38 3.75 -2.37
C ARG A 11 4.16 3.77 -3.68
N GLN A 12 4.23 2.62 -4.30
CA GLN A 12 4.95 2.49 -5.60
C GLN A 12 4.71 3.73 -6.51
N ARG A 13 3.47 4.01 -6.75
CA ARG A 13 3.08 5.18 -7.61
C ARG A 13 2.87 6.44 -6.75
N TYR A 14 3.77 6.69 -5.85
CA TYR A 14 3.65 7.90 -4.97
C TYR A 14 4.78 8.87 -5.37
N NH2 A 15 4.83 9.27 -6.60
HN1 NH2 A 15 4.16 8.96 -7.25
HN2 NH2 A 15 5.53 9.91 -6.87
C ACE A 1 -6.84 -8.20 4.22
O ACE A 1 -6.96 -8.05 5.42
CH3 ACE A 1 -8.05 -8.57 3.36
H1 ACE A 1 -8.78 -7.78 3.43
H2 ACE A 1 -8.46 -9.49 3.72
H3 ACE A 1 -7.74 -8.68 2.33
N ALA A 2 -5.68 -8.05 3.61
CA ALA A 2 -4.46 -7.69 4.40
C ALA A 2 -4.40 -6.17 4.60
N ARG A 3 -5.43 -5.73 5.29
CA ARG A 3 -5.62 -4.29 5.65
C ARG A 3 -4.31 -3.56 5.98
N HIS A 4 -3.65 -3.94 7.04
CA HIS A 4 -2.37 -3.22 7.40
C HIS A 4 -1.20 -3.57 6.44
N TYR A 5 -1.55 -4.08 5.29
CA TYR A 5 -0.56 -4.48 4.25
C TYR A 5 -1.05 -3.91 2.90
N LYS A 6 -2.04 -3.08 2.98
CA LYS A 6 -2.61 -2.47 1.73
C LYS A 6 -1.90 -1.16 1.39
N ASN A 7 -1.97 -0.22 2.28
CA ASN A 7 -1.32 1.13 2.10
C ASN A 7 -0.07 1.07 1.22
N LEU A 8 0.83 0.23 1.65
CA LEU A 8 2.13 -0.01 0.95
C LEU A 8 2.00 -0.11 -0.58
N ILE A 9 1.09 -0.95 -1.00
CA ILE A 9 0.83 -1.16 -2.46
C ILE A 9 0.43 0.13 -3.18
N GLU A 10 0.12 1.14 -2.43
CA GLU A 10 -0.28 2.45 -3.02
C GLU A 10 0.86 3.47 -2.89
N ARG A 11 2.04 2.93 -2.71
CA ARG A 11 3.28 3.75 -2.56
C ARG A 11 3.92 3.81 -3.93
N GLN A 12 3.96 2.67 -4.58
CA GLN A 12 4.57 2.56 -5.95
C GLN A 12 4.46 3.84 -6.79
N ARG A 13 3.31 4.48 -6.76
CA ARG A 13 3.13 5.73 -7.56
C ARG A 13 3.78 6.96 -6.88
N TYR A 14 4.87 6.70 -6.22
CA TYR A 14 5.64 7.74 -5.51
C TYR A 14 7.06 7.63 -6.08
N NH2 A 15 7.30 8.03 -7.29
HN1 NH2 A 15 6.59 8.42 -7.84
HN2 NH2 A 15 8.22 7.95 -7.64
C ACE A 1 -4.28 -7.54 8.48
O ACE A 1 -3.88 -6.40 8.34
CH3 ACE A 1 -4.89 -7.97 9.82
H1 ACE A 1 -5.76 -7.35 10.02
H2 ACE A 1 -4.16 -7.82 10.60
H3 ACE A 1 -5.17 -9.00 9.78
N ALA A 2 -4.24 -8.46 7.56
CA ALA A 2 -3.67 -8.22 6.19
C ALA A 2 -3.80 -6.77 5.72
N ARG A 3 -5.01 -6.28 5.86
CA ARG A 3 -5.35 -4.86 5.48
C ARG A 3 -4.20 -3.88 5.70
N HIS A 4 -3.45 -4.11 6.74
CA HIS A 4 -2.28 -3.26 7.10
C HIS A 4 -1.32 -2.98 5.93
N TYR A 5 -1.34 -3.85 4.98
CA TYR A 5 -0.47 -3.73 3.78
C TYR A 5 -1.17 -3.05 2.60
N LYS A 6 -2.32 -2.53 2.86
CA LYS A 6 -3.11 -1.82 1.79
C LYS A 6 -2.32 -0.59 1.37
N ASN A 7 -1.94 0.18 2.35
CA ASN A 7 -1.16 1.42 2.09
C ASN A 7 0.02 1.14 1.15
N LEU A 8 0.86 0.24 1.60
CA LEU A 8 2.07 -0.21 0.84
C LEU A 8 1.92 -0.29 -0.68
N ILE A 9 0.99 -1.09 -1.13
CA ILE A 9 0.78 -1.24 -2.62
C ILE A 9 0.46 0.10 -3.28
N GLU A 10 0.12 1.06 -2.48
CA GLU A 10 -0.21 2.42 -3.03
C GLU A 10 0.99 3.32 -2.80
N ARG A 11 2.14 2.72 -2.60
CA ARG A 11 3.37 3.54 -2.37
C ARG A 11 4.17 3.63 -3.65
N GLN A 12 4.23 2.54 -4.35
CA GLN A 12 4.99 2.49 -5.65
C GLN A 12 4.62 3.77 -6.45
N ARG A 13 3.34 4.01 -6.47
CA ARG A 13 2.76 5.18 -7.18
C ARG A 13 2.65 6.41 -6.24
N TYR A 14 3.59 6.58 -5.37
CA TYR A 14 3.60 7.73 -4.41
C TYR A 14 4.96 8.44 -4.57
N NH2 A 15 5.11 9.25 -5.57
HN1 NH2 A 15 4.38 9.41 -6.19
HN2 NH2 A 15 5.98 9.69 -5.68
C ACE A 1 -3.79 -7.81 8.14
O ACE A 1 -3.55 -6.63 8.07
CH3 ACE A 1 -4.07 -8.45 9.49
H1 ACE A 1 -4.94 -7.98 9.94
H2 ACE A 1 -3.21 -8.30 10.13
H3 ACE A 1 -4.24 -9.51 9.38
N ALA A 2 -3.84 -8.62 7.11
CA ALA A 2 -3.58 -8.17 5.69
C ALA A 2 -3.97 -6.71 5.44
N ARG A 3 -5.15 -6.39 5.90
CA ARG A 3 -5.71 -5.00 5.76
C ARG A 3 -4.60 -3.95 5.93
N HIS A 4 -3.85 -4.11 6.99
CA HIS A 4 -2.73 -3.16 7.28
C HIS A 4 -1.52 -3.33 6.36
N TYR A 5 -1.74 -3.86 5.19
CA TYR A 5 -0.65 -4.08 4.21
C TYR A 5 -1.09 -3.47 2.86
N LYS A 6 -2.20 -2.80 2.92
CA LYS A 6 -2.77 -2.13 1.70
C LYS A 6 -1.92 -0.90 1.34
N ASN A 7 -1.78 -0.03 2.30
CA ASN A 7 -0.97 1.24 2.12
C ASN A 7 0.24 0.99 1.22
N LEU A 8 1.01 0.01 1.63
CA LEU A 8 2.25 -0.41 0.90
C LEU A 8 2.14 -0.53 -0.62
N ILE A 9 0.98 -0.89 -1.11
CA ILE A 9 0.76 -1.05 -2.60
C ILE A 9 0.33 0.28 -3.23
N GLU A 10 0.28 1.27 -2.39
CA GLU A 10 -0.10 2.64 -2.83
C GLU A 10 1.08 3.58 -2.64
N ARG A 11 2.25 3.00 -2.61
CA ARG A 11 3.50 3.79 -2.43
C ARG A 11 4.11 3.94 -3.82
N GLN A 12 4.20 2.80 -4.46
CA GLN A 12 4.77 2.67 -5.85
C GLN A 12 4.56 3.95 -6.71
N ARG A 13 3.34 4.23 -7.09
CA ARG A 13 3.08 5.44 -7.92
C ARG A 13 2.74 6.67 -7.06
N TYR A 14 2.67 6.47 -5.77
CA TYR A 14 2.34 7.58 -4.83
C TYR A 14 3.31 7.50 -3.65
N NH2 A 15 4.56 7.76 -3.87
HN1 NH2 A 15 4.86 8.00 -4.77
HN2 NH2 A 15 5.20 7.72 -3.13
C ACE A 1 -6.04 -8.15 6.41
O ACE A 1 -5.54 -7.57 7.36
CH3 ACE A 1 -7.37 -8.87 6.57
H1 ACE A 1 -7.26 -9.65 7.31
H2 ACE A 1 -7.67 -9.32 5.63
H3 ACE A 1 -8.12 -8.18 6.90
N ALA A 2 -5.49 -8.18 5.23
CA ALA A 2 -4.17 -7.48 5.02
C ALA A 2 -4.38 -6.02 4.60
N ARG A 3 -5.54 -5.51 4.94
CA ARG A 3 -5.87 -4.09 4.59
C ARG A 3 -4.74 -3.20 5.09
N HIS A 4 -4.31 -3.48 6.29
CA HIS A 4 -3.20 -2.68 6.89
C HIS A 4 -1.83 -3.10 6.29
N TYR A 5 -1.88 -3.61 5.09
CA TYR A 5 -0.65 -4.04 4.37
C TYR A 5 -0.75 -3.48 2.96
N LYS A 6 -1.72 -2.61 2.78
CA LYS A 6 -1.94 -1.98 1.45
C LYS A 6 -1.01 -0.80 1.29
N ASN A 7 -0.87 -0.03 2.33
CA ASN A 7 0.03 1.18 2.34
C ASN A 7 1.21 0.99 1.36
N LEU A 8 1.91 -0.09 1.59
CA LEU A 8 3.09 -0.44 0.74
C LEU A 8 2.70 -0.59 -0.74
N ILE A 9 1.70 -1.40 -0.94
CA ILE A 9 1.15 -1.70 -2.30
C ILE A 9 0.47 -0.47 -2.87
N GLU A 10 0.15 0.45 -2.00
CA GLU A 10 -0.52 1.72 -2.41
C GLU A 10 0.52 2.85 -2.32
N ARG A 11 1.77 2.47 -2.33
CA ARG A 11 2.85 3.50 -2.25
C ARG A 11 3.35 3.71 -3.69
N GLN A 12 3.42 2.63 -4.41
CA GLN A 12 3.89 2.63 -5.84
C GLN A 12 3.65 3.91 -6.69
N ARG A 13 2.58 4.64 -6.46
CA ARG A 13 2.30 5.89 -7.26
C ARG A 13 2.91 7.16 -6.65
N TYR A 14 3.19 7.06 -5.37
CA TYR A 14 3.78 8.16 -4.57
C TYR A 14 5.19 7.72 -4.11
N NH2 A 15 6.09 7.56 -5.01
HN1 NH2 A 15 5.88 7.71 -5.95
HN2 NH2 A 15 7.00 7.27 -4.75
C ACE A 1 -6.21 -9.00 4.63
O ACE A 1 -6.33 -8.64 5.78
CH3 ACE A 1 -7.35 -9.72 3.93
H1 ACE A 1 -7.08 -9.93 2.90
H2 ACE A 1 -8.24 -9.11 3.95
H3 ACE A 1 -7.54 -10.67 4.43
N ALA A 2 -5.13 -8.77 3.94
CA ALA A 2 -3.95 -8.07 4.57
C ALA A 2 -4.14 -6.54 4.48
N ARG A 3 -5.29 -6.16 4.95
CA ARG A 3 -5.73 -4.74 4.99
C ARG A 3 -4.64 -3.82 5.55
N HIS A 4 -4.19 -4.15 6.73
CA HIS A 4 -3.13 -3.32 7.38
C HIS A 4 -1.82 -3.34 6.58
N TYR A 5 -1.81 -4.14 5.54
CA TYR A 5 -0.61 -4.28 4.66
C TYR A 5 -0.92 -3.74 3.26
N LYS A 6 -1.98 -3.00 3.18
CA LYS A 6 -2.39 -2.43 1.85
C LYS A 6 -1.60 -1.12 1.60
N ASN A 7 -1.53 -0.29 2.61
CA ASN A 7 -0.82 1.04 2.55
C ASN A 7 0.33 1.02 1.51
N LEU A 8 1.20 0.05 1.69
CA LEU A 8 2.38 -0.17 0.80
C LEU A 8 2.08 -0.05 -0.71
N ILE A 9 1.04 -0.72 -1.13
CA ILE A 9 0.65 -0.69 -2.58
C ILE A 9 0.42 0.72 -3.08
N GLU A 10 0.21 1.63 -2.17
CA GLU A 10 -0.03 3.04 -2.59
C GLU A 10 1.29 3.81 -2.52
N ARG A 11 2.36 3.09 -2.68
CA ARG A 11 3.74 3.69 -2.67
C ARG A 11 4.21 3.85 -4.11
N GLN A 12 4.35 2.70 -4.73
CA GLN A 12 4.81 2.62 -6.16
C GLN A 12 4.33 3.76 -7.06
N ARG A 13 3.05 4.01 -7.02
CA ARG A 13 2.44 5.08 -7.86
C ARG A 13 2.40 6.44 -7.13
N TYR A 14 3.47 6.77 -6.44
CA TYR A 14 3.54 8.07 -5.70
C TYR A 14 4.80 8.83 -6.17
N NH2 A 15 4.95 9.06 -7.44
HN1 NH2 A 15 4.29 8.75 -8.08
HN2 NH2 A 15 5.75 9.54 -7.75
C ACE A 1 -6.42 -8.92 5.00
O ACE A 1 -6.80 -8.54 6.08
CH3 ACE A 1 -7.40 -9.53 3.99
H1 ACE A 1 -7.87 -10.40 4.43
H2 ACE A 1 -6.88 -9.81 3.09
H3 ACE A 1 -8.16 -8.79 3.76
N ALA A 2 -5.16 -8.85 4.62
CA ALA A 2 -4.13 -8.28 5.54
C ALA A 2 -4.15 -6.75 5.47
N ARG A 3 -5.29 -6.21 5.83
CA ARG A 3 -5.54 -4.72 5.84
C ARG A 3 -4.29 -3.84 5.89
N HIS A 4 -3.49 -4.04 6.90
CA HIS A 4 -2.22 -3.24 7.05
C HIS A 4 -1.21 -3.34 5.88
N TYR A 5 -1.61 -3.91 4.78
CA TYR A 5 -0.68 -4.05 3.61
C TYR A 5 -1.22 -3.25 2.42
N LYS A 6 -2.31 -2.57 2.68
CA LYS A 6 -2.96 -1.74 1.61
C LYS A 6 -2.17 -0.45 1.39
N ASN A 7 -1.83 0.21 2.47
CA ASN A 7 -1.07 1.49 2.34
C ASN A 7 0.43 1.24 2.04
N LEU A 8 0.66 0.17 1.33
CA LEU A 8 2.03 -0.23 0.93
C LEU A 8 2.05 -0.30 -0.59
N ILE A 9 1.21 -1.13 -1.14
CA ILE A 9 1.15 -1.25 -2.63
C ILE A 9 0.86 0.12 -3.22
N GLU A 10 0.10 0.88 -2.49
CA GLU A 10 -0.27 2.26 -2.96
C GLU A 10 0.85 3.27 -2.66
N ARG A 11 2.06 2.76 -2.58
CA ARG A 11 3.25 3.63 -2.31
C ARG A 11 3.88 3.83 -3.68
N GLN A 12 4.25 2.71 -4.25
CA GLN A 12 4.90 2.63 -5.60
C GLN A 12 4.44 3.75 -6.56
N ARG A 13 3.17 4.05 -6.53
CA ARG A 13 2.58 5.11 -7.42
C ARG A 13 3.08 6.54 -7.11
N TYR A 14 4.07 6.63 -6.25
CA TYR A 14 4.65 7.94 -5.85
C TYR A 14 5.61 8.35 -6.97
N NH2 A 15 5.11 8.59 -8.14
HN1 NH2 A 15 4.14 8.52 -8.28
HN2 NH2 A 15 5.71 8.86 -8.87
C ACE A 1 -4.88 -8.02 6.76
O ACE A 1 -4.05 -7.23 7.16
CH3 ACE A 1 -5.79 -8.77 7.74
H1 ACE A 1 -6.48 -9.41 7.20
H2 ACE A 1 -6.35 -8.05 8.32
H3 ACE A 1 -5.18 -9.37 8.41
N ALA A 2 -5.06 -8.24 5.49
CA ALA A 2 -4.20 -7.55 4.48
C ALA A 2 -4.79 -6.16 4.20
N ARG A 3 -5.04 -5.46 5.27
CA ARG A 3 -5.62 -4.08 5.16
C ARG A 3 -4.44 -3.12 5.35
N HIS A 4 -3.77 -3.27 6.46
CA HIS A 4 -2.60 -2.39 6.76
C HIS A 4 -1.44 -2.64 5.78
N TYR A 5 -1.67 -3.54 4.87
CA TYR A 5 -0.65 -3.89 3.85
C TYR A 5 -1.03 -3.25 2.51
N LYS A 6 -2.04 -2.43 2.59
CA LYS A 6 -2.54 -1.73 1.38
C LYS A 6 -1.53 -0.66 0.99
N ASN A 7 -1.24 0.22 1.91
CA ASN A 7 -0.25 1.34 1.66
C ASN A 7 0.95 0.73 0.93
N LEU A 8 1.51 -0.31 1.48
CA LEU A 8 2.69 -0.98 0.84
C LEU A 8 2.62 -1.08 -0.69
N ILE A 9 1.51 -1.56 -1.18
CA ILE A 9 1.33 -1.71 -2.67
C ILE A 9 0.69 -0.42 -3.20
N GLU A 10 0.18 0.36 -2.29
CA GLU A 10 -0.47 1.65 -2.66
C GLU A 10 0.47 2.78 -2.23
N ARG A 11 1.74 2.43 -2.21
CA ARG A 11 2.83 3.37 -1.82
C ARG A 11 3.42 3.81 -3.14
N GLN A 12 3.89 2.82 -3.86
CA GLN A 12 4.53 3.02 -5.21
C GLN A 12 3.93 4.24 -5.94
N ARG A 13 2.64 4.19 -6.11
CA ARG A 13 1.85 5.27 -6.79
C ARG A 13 2.37 6.69 -6.53
N TYR A 14 2.67 6.87 -5.29
CA TYR A 14 3.20 8.14 -4.77
C TYR A 14 4.49 7.76 -4.01
N NH2 A 15 5.39 7.10 -4.65
HN1 NH2 A 15 5.23 6.86 -5.60
HN2 NH2 A 15 6.22 6.83 -4.20
C ACE A 1 -6.70 -7.66 2.65
O ACE A 1 -7.35 -7.67 3.67
CH3 ACE A 1 -7.37 -7.68 1.29
H1 ACE A 1 -8.04 -6.84 1.21
H2 ACE A 1 -7.93 -8.60 1.19
H3 ACE A 1 -6.64 -7.62 0.51
N ALA A 2 -5.39 -7.63 2.67
CA ALA A 2 -4.65 -7.62 3.97
C ALA A 2 -4.42 -6.17 4.40
N ARG A 3 -5.49 -5.53 4.79
CA ARG A 3 -5.50 -4.10 5.26
C ARG A 3 -4.14 -3.47 5.73
N HIS A 4 -3.43 -4.04 6.66
CA HIS A 4 -2.13 -3.40 7.09
C HIS A 4 -1.05 -3.37 5.99
N TYR A 5 -1.36 -4.02 4.92
CA TYR A 5 -0.47 -4.14 3.72
C TYR A 5 -1.17 -3.46 2.55
N LYS A 6 -2.16 -2.67 2.89
CA LYS A 6 -2.93 -1.94 1.84
C LYS A 6 -2.15 -0.67 1.47
N ASN A 7 -1.86 0.14 2.45
CA ASN A 7 -1.09 1.41 2.19
C ASN A 7 0.09 1.14 1.25
N LEU A 8 0.88 0.20 1.68
CA LEU A 8 2.11 -0.29 0.99
C LEU A 8 2.06 -0.29 -0.55
N ILE A 9 1.18 -1.12 -1.05
CA ILE A 9 0.99 -1.27 -2.53
C ILE A 9 0.55 0.07 -3.15
N GLU A 10 0.19 0.99 -2.31
CA GLU A 10 -0.25 2.34 -2.78
C GLU A 10 0.94 3.32 -2.60
N ARG A 11 2.12 2.81 -2.44
CA ARG A 11 3.32 3.70 -2.26
C ARG A 11 4.10 3.85 -3.55
N GLN A 12 4.28 2.75 -4.23
CA GLN A 12 5.03 2.79 -5.54
C GLN A 12 4.47 3.88 -6.48
N ARG A 13 3.17 3.86 -6.64
CA ARG A 13 2.47 4.85 -7.51
C ARG A 13 2.07 6.06 -6.63
N TYR A 14 3.03 6.58 -5.94
CA TYR A 14 2.75 7.77 -5.04
C TYR A 14 2.70 9.07 -5.87
N NH2 A 15 3.58 9.22 -6.83
HN1 NH2 A 15 4.23 8.52 -6.99
HN2 NH2 A 15 3.56 10.05 -7.35
#